data_7ODP
#
_entry.id   7ODP
#
_cell.length_a   42.170
_cell.length_b   82.820
_cell.length_c   89.400
_cell.angle_alpha   90.000
_cell.angle_beta   90.000
_cell.angle_gamma   90.000
#
_symmetry.space_group_name_H-M   'P 21 21 21'
#
loop_
_entity.id
_entity.type
_entity.pdbx_description
1 polymer Transaldolase
2 non-polymer 'CITRIC ACID'
3 water water
#
_entity_poly.entity_id   1
_entity_poly.type   'polypeptide(L)'
_entity_poly.pdbx_seq_one_letter_code
;GMTILSDVKALGQQIWLDNLSRSLVQSGELAQMLKQGV(CSO)GVTSNPAIFQKAFAGDALYADEVAALKRQNLSPKQRY
ETMAVADVRAACDVCLAEHESTGGKTGFVSLEVSPELAKDAQGTVEEARRLHAAIARKNAMIKVPATDAGIDALETLVSD
GISVNLTLLFSRAQTLKAYAAYARGIAKRLAAGQSVAHIQVVASFFISRVDSALDATLPDRLKGKTAIALAKAAYQDWEQ
YFTAPEFAALEAQGANRVQLLWASTGVKNPAYPDTLYVDSLIGVHTVNTVPDATLKAFIDHGTAKATLTESADEARARLA
EIAALGIDVETLAARLQEDGLKQFEEAFEKLLAPLV
;
_entity_poly.pdbx_strand_id   A
#
loop_
_chem_comp.id
_chem_comp.type
_chem_comp.name
_chem_comp.formula
CIT non-polymer 'CITRIC ACID' 'C6 H8 O7'
#
# COMPACT_ATOMS: atom_id res chain seq x y z
N GLY A 1 1.89 1.75 -24.58
CA GLY A 1 3.17 2.49 -24.41
C GLY A 1 3.25 3.30 -23.14
N MET A 2 4.36 4.01 -22.98
N MET A 2 4.36 4.01 -22.96
CA MET A 2 4.62 4.66 -21.70
CA MET A 2 4.66 4.67 -21.69
C MET A 2 3.55 5.67 -21.33
C MET A 2 3.65 5.75 -21.34
N THR A 3 2.96 6.33 -22.32
CA THR A 3 1.97 7.36 -22.03
C THR A 3 0.76 6.78 -21.30
N ILE A 4 0.63 5.46 -21.21
CA ILE A 4 -0.51 4.91 -20.49
C ILE A 4 -0.51 5.36 -19.04
N LEU A 5 0.66 5.61 -18.46
CA LEU A 5 0.68 6.04 -17.06
C LEU A 5 0.03 7.40 -16.90
N SER A 6 0.33 8.33 -17.81
N SER A 6 0.29 8.32 -17.83
CA SER A 6 -0.35 9.62 -17.80
CA SER A 6 -0.36 9.63 -17.78
C SER A 6 -1.84 9.46 -18.06
C SER A 6 -1.83 9.54 -18.16
N ASP A 7 -2.21 8.58 -19.00
CA ASP A 7 -3.63 8.35 -19.27
C ASP A 7 -4.35 7.88 -18.01
N VAL A 8 -3.72 7.01 -17.23
CA VAL A 8 -4.34 6.56 -15.97
C VAL A 8 -4.42 7.71 -14.97
N LYS A 9 -3.40 8.56 -14.91
CA LYS A 9 -3.49 9.74 -14.05
C LYS A 9 -4.71 10.59 -14.40
N ALA A 10 -4.99 10.74 -15.71
CA ALA A 10 -6.15 11.53 -16.11
C ALA A 10 -7.46 10.88 -15.69
N LEU A 11 -7.48 9.55 -15.50
CA LEU A 11 -8.63 8.85 -14.94
C LEU A 11 -8.67 8.89 -13.42
N GLY A 12 -7.68 9.54 -12.80
CA GLY A 12 -7.72 9.75 -11.37
C GLY A 12 -7.01 8.72 -10.54
N GLN A 13 -6.17 7.90 -11.14
CA GLN A 13 -5.45 6.88 -10.38
C GLN A 13 -3.94 7.09 -10.50
N GLN A 14 -3.27 7.04 -9.36
CA GLN A 14 -1.81 7.03 -9.32
C GLN A 14 -1.32 5.60 -9.40
N ILE A 15 -0.20 5.40 -10.12
N ILE A 15 -0.19 5.42 -10.11
CA ILE A 15 0.46 4.10 -10.14
CA ILE A 15 0.52 4.16 -10.21
C ILE A 15 1.78 4.26 -9.42
C ILE A 15 1.80 4.31 -9.39
N TRP A 16 1.98 3.44 -8.39
CA TRP A 16 3.18 3.41 -7.59
C TRP A 16 3.96 2.14 -7.90
N LEU A 17 5.26 2.18 -7.63
CA LEU A 17 6.12 1.02 -7.82
C LEU A 17 6.20 0.24 -6.50
N ASP A 18 5.87 -1.04 -6.57
CA ASP A 18 5.93 -1.92 -5.41
C ASP A 18 7.30 -2.61 -5.36
N ASN A 19 8.32 -1.78 -5.19
CA ASN A 19 9.69 -2.25 -5.08
C ASN A 19 10.53 -1.07 -4.63
N LEU A 20 11.62 -1.38 -3.95
CA LEU A 20 12.60 -0.39 -3.55
C LEU A 20 13.92 -1.11 -3.36
N SER A 21 15.00 -0.45 -3.79
CA SER A 21 16.34 -0.94 -3.53
C SER A 21 17.32 0.21 -3.64
N ARG A 22 18.49 0.00 -3.04
CA ARG A 22 19.55 1.00 -3.09
C ARG A 22 19.92 1.35 -4.52
N SER A 23 20.05 0.35 -5.40
CA SER A 23 20.42 0.63 -6.79
C SER A 23 19.29 1.31 -7.56
N LEU A 24 18.03 0.97 -7.28
CA LEU A 24 16.94 1.65 -7.95
C LEU A 24 17.08 3.16 -7.82
N VAL A 25 17.43 3.63 -6.63
CA VAL A 25 17.58 5.05 -6.40
C VAL A 25 18.92 5.55 -6.93
N GLN A 26 20.01 4.86 -6.58
CA GLN A 26 21.35 5.36 -6.85
C GLN A 26 21.64 5.45 -8.35
N SER A 27 21.06 4.53 -9.13
CA SER A 27 21.26 4.48 -10.57
C SER A 27 20.58 5.64 -11.30
N GLY A 28 19.70 6.38 -10.62
CA GLY A 28 18.89 7.37 -11.28
C GLY A 28 17.61 6.84 -11.86
N GLU A 29 17.37 5.53 -11.76
CA GLU A 29 16.19 4.95 -12.39
C GLU A 29 14.91 5.48 -11.73
N LEU A 30 14.88 5.57 -10.40
CA LEU A 30 13.65 6.03 -9.77
C LEU A 30 13.33 7.46 -10.20
N ALA A 31 14.35 8.31 -10.30
CA ALA A 31 14.11 9.68 -10.73
C ALA A 31 13.49 9.72 -12.13
N GLN A 32 14.00 8.88 -13.05
N GLN A 32 13.96 8.84 -13.02
CA GLN A 32 13.41 8.84 -14.38
CA GLN A 32 13.41 8.83 -14.37
C GLN A 32 11.95 8.38 -14.30
C GLN A 32 11.98 8.30 -14.37
N MET A 33 11.68 7.34 -13.50
CA MET A 33 10.32 6.84 -13.39
C MET A 33 9.36 7.94 -12.94
N LEU A 34 9.80 8.79 -12.01
N LEU A 34 9.75 8.72 -11.95
CA LEU A 34 8.97 9.86 -11.46
CA LEU A 34 8.88 9.80 -11.50
C LEU A 34 8.75 10.99 -12.46
C LEU A 34 8.56 10.74 -12.64
N LYS A 35 9.43 10.95 -13.62
N LYS A 35 9.59 11.17 -13.36
CA LYS A 35 9.13 11.80 -14.77
CA LYS A 35 9.39 12.17 -14.41
C LYS A 35 8.25 11.10 -15.80
C LYS A 35 8.50 11.67 -15.54
N GLN A 36 8.32 9.77 -15.84
N GLN A 36 8.12 10.38 -15.56
CA GLN A 36 7.60 8.97 -16.79
CA GLN A 36 7.47 9.77 -16.72
C GLN A 36 6.22 8.57 -16.29
C GLN A 36 6.20 8.99 -16.37
N GLY A 37 5.77 9.07 -15.12
CA GLY A 37 4.43 8.71 -14.69
C GLY A 37 4.28 7.88 -13.45
N VAL A 38 5.35 7.30 -12.91
CA VAL A 38 5.27 6.59 -11.64
C VAL A 38 5.15 7.66 -10.56
N CSO A 39 4.31 7.43 -9.55
CA CSO A 39 3.96 8.50 -8.62
CB CSO A 39 2.44 8.81 -8.72
SG CSO A 39 2.12 10.56 -8.97
C CSO A 39 4.28 8.23 -7.17
O CSO A 39 3.88 8.99 -6.30
OD CSO A 39 2.46 10.81 -10.69
HA CSO A 39 4.50 9.27 -8.91
HB2 CSO A 39 2.02 8.54 -7.89
HB3 CSO A 39 2.06 8.32 -9.46
N GLY A 40 4.98 7.13 -6.90
CA GLY A 40 5.26 6.75 -5.54
C GLY A 40 5.85 5.37 -5.47
N VAL A 41 6.18 4.93 -4.25
CA VAL A 41 6.91 3.70 -4.00
C VAL A 41 6.39 3.05 -2.73
N THR A 42 6.22 1.73 -2.77
CA THR A 42 5.90 0.98 -1.56
C THR A 42 6.96 -0.09 -1.33
N SER A 43 7.21 -0.36 -0.05
CA SER A 43 8.07 -1.46 0.34
C SER A 43 7.35 -2.29 1.40
N ASN A 44 7.95 -3.43 1.70
CA ASN A 44 7.50 -4.32 2.76
C ASN A 44 8.68 -5.22 3.10
N PRO A 45 8.57 -6.06 4.13
CA PRO A 45 9.76 -6.86 4.52
C PRO A 45 10.24 -7.82 3.45
N ALA A 46 9.33 -8.35 2.63
CA ALA A 46 9.76 -9.26 1.57
C ALA A 46 10.53 -8.52 0.49
N ILE A 47 10.08 -7.30 0.17
CA ILE A 47 10.79 -6.48 -0.82
C ILE A 47 12.20 -6.20 -0.33
N PHE A 48 12.36 -5.85 0.94
CA PHE A 48 13.70 -5.61 1.46
C PHE A 48 14.53 -6.89 1.51
N GLN A 49 13.91 -8.02 1.90
CA GLN A 49 14.68 -9.27 1.93
C GLN A 49 15.28 -9.56 0.56
N LYS A 50 14.49 -9.41 -0.50
CA LYS A 50 15.00 -9.68 -1.85
C LYS A 50 16.02 -8.64 -2.27
N ALA A 51 15.79 -7.37 -1.95
CA ALA A 51 16.74 -6.33 -2.33
C ALA A 51 18.06 -6.50 -1.60
N PHE A 52 18.02 -6.74 -0.28
CA PHE A 52 19.26 -6.90 0.44
C PHE A 52 20.06 -8.10 -0.07
N ALA A 53 19.34 -9.16 -0.49
CA ALA A 53 20.00 -10.39 -0.92
C ALA A 53 20.60 -10.26 -2.32
N GLY A 54 20.00 -9.44 -3.19
CA GLY A 54 20.41 -9.40 -4.59
C GLY A 54 21.07 -8.14 -5.12
N ASP A 55 21.01 -7.04 -4.38
CA ASP A 55 21.54 -5.77 -4.85
C ASP A 55 22.97 -5.60 -4.35
N ALA A 56 23.92 -5.50 -5.29
CA ALA A 56 25.34 -5.46 -4.91
C ALA A 56 25.69 -4.24 -4.06
N LEU A 57 24.93 -3.15 -4.17
CA LEU A 57 25.31 -1.95 -3.43
C LEU A 57 25.09 -2.08 -1.92
N TYR A 58 24.47 -3.15 -1.44
CA TYR A 58 24.34 -3.28 0.00
C TYR A 58 25.59 -3.86 0.66
N ALA A 59 26.47 -4.52 -0.10
CA ALA A 59 27.56 -5.28 0.51
C ALA A 59 28.46 -4.37 1.35
N ASP A 60 28.85 -3.23 0.80
CA ASP A 60 29.72 -2.31 1.54
C ASP A 60 28.99 -1.71 2.74
N GLU A 61 27.69 -1.44 2.59
CA GLU A 61 26.91 -0.91 3.70
C GLU A 61 26.83 -1.93 4.84
N VAL A 62 26.59 -3.20 4.51
CA VAL A 62 26.54 -4.22 5.55
C VAL A 62 27.90 -4.36 6.23
N ALA A 63 28.98 -4.37 5.45
CA ALA A 63 30.31 -4.49 6.03
C ALA A 63 30.60 -3.34 6.97
N ALA A 64 30.18 -2.13 6.59
CA ALA A 64 30.36 -0.99 7.47
C ALA A 64 29.57 -1.15 8.76
N LEU A 65 28.32 -1.61 8.65
CA LEU A 65 27.47 -1.71 9.84
C LEU A 65 27.90 -2.87 10.74
N LYS A 66 28.54 -3.90 10.18
CA LYS A 66 29.06 -4.97 11.02
C LYS A 66 30.28 -4.55 11.82
N ARG A 67 30.84 -3.37 11.56
CA ARG A 67 31.92 -2.82 12.37
C ARG A 67 31.40 -2.09 13.60
N GLN A 68 30.09 -1.93 13.73
CA GLN A 68 29.47 -1.19 14.81
C GLN A 68 28.70 -2.14 15.71
N ASN A 69 28.49 -1.70 16.96
CA ASN A 69 27.76 -2.49 17.94
C ASN A 69 26.28 -2.20 17.77
N LEU A 70 25.66 -2.95 16.87
CA LEU A 70 24.28 -2.75 16.50
C LEU A 70 23.58 -4.10 16.44
N SER A 71 22.31 -4.12 16.81
CA SER A 71 21.50 -5.29 16.64
C SER A 71 21.21 -5.53 15.15
N PRO A 72 20.94 -6.78 14.77
CA PRO A 72 20.50 -7.02 13.38
C PRO A 72 19.35 -6.12 12.96
N LYS A 73 18.39 -5.87 13.86
N LYS A 73 18.34 -5.96 13.84
CA LYS A 73 17.27 -4.99 13.51
CA LYS A 73 17.21 -5.11 13.50
C LYS A 73 17.74 -3.58 13.21
C LYS A 73 17.66 -3.67 13.24
N GLN A 74 18.67 -3.04 14.01
N GLN A 74 18.62 -3.17 14.01
CA GLN A 74 19.12 -1.68 13.73
CA GLN A 74 19.12 -1.81 13.79
C GLN A 74 20.00 -1.62 12.48
C GLN A 74 19.86 -1.73 12.46
N ARG A 75 20.72 -2.70 12.18
CA ARG A 75 21.41 -2.74 10.90
C ARG A 75 20.40 -2.68 9.75
N TYR A 76 19.37 -3.52 9.81
CA TYR A 76 18.30 -3.48 8.81
C TYR A 76 17.69 -2.08 8.73
N GLU A 77 17.35 -1.49 9.88
CA GLU A 77 16.64 -0.21 9.86
C GLU A 77 17.53 0.89 9.27
N THR A 78 18.80 0.88 9.62
CA THR A 78 19.71 1.88 9.06
C THR A 78 19.74 1.79 7.55
N MET A 79 19.79 0.56 7.02
N MET A 79 19.75 0.57 7.00
CA MET A 79 19.80 0.35 5.58
CA MET A 79 19.83 0.42 5.55
C MET A 79 18.48 0.80 4.97
C MET A 79 18.48 0.69 4.88
N ALA A 80 17.37 0.34 5.54
CA ALA A 80 16.06 0.60 4.96
C ALA A 80 15.70 2.07 5.05
N VAL A 81 15.94 2.70 6.21
CA VAL A 81 15.65 4.12 6.35
C VAL A 81 16.47 4.94 5.36
N ALA A 82 17.73 4.55 5.14
CA ALA A 82 18.56 5.26 4.16
C ALA A 82 17.97 5.13 2.75
N ASP A 83 17.49 3.93 2.39
CA ASP A 83 16.88 3.76 1.07
C ASP A 83 15.62 4.62 0.95
N VAL A 84 14.81 4.62 2.01
CA VAL A 84 13.55 5.36 1.98
C VAL A 84 13.81 6.86 1.92
N ARG A 85 14.76 7.34 2.74
N ARG A 85 14.77 7.35 2.69
CA ARG A 85 15.15 8.75 2.69
CA ARG A 85 15.05 8.78 2.64
C ARG A 85 15.52 9.14 1.27
C ARG A 85 15.57 9.20 1.27
N ALA A 86 16.42 8.36 0.66
CA ALA A 86 16.91 8.68 -0.67
C ALA A 86 15.78 8.66 -1.69
N ALA A 87 14.88 7.69 -1.58
CA ALA A 87 13.73 7.65 -2.48
C ALA A 87 12.81 8.83 -2.25
N CYS A 88 12.60 9.20 -0.98
CA CYS A 88 11.77 10.38 -0.71
C CYS A 88 12.34 11.61 -1.38
N ASP A 89 13.67 11.77 -1.34
CA ASP A 89 14.29 12.93 -1.97
C ASP A 89 14.03 12.93 -3.47
N VAL A 90 14.05 11.75 -4.09
CA VAL A 90 13.78 11.66 -5.52
C VAL A 90 12.33 12.03 -5.82
N CYS A 91 11.40 11.67 -4.93
CA CYS A 91 9.98 11.88 -5.15
C CYS A 91 9.48 13.23 -4.62
N LEU A 92 10.34 14.04 -4.03
N LEU A 92 10.34 14.05 -4.03
CA LEU A 92 9.85 15.24 -3.35
CA LEU A 92 9.88 15.24 -3.32
C LEU A 92 9.26 16.24 -4.33
C LEU A 92 9.35 16.32 -4.26
N ALA A 93 9.92 16.45 -5.46
CA ALA A 93 9.41 17.42 -6.43
C ALA A 93 7.99 17.07 -6.84
N GLU A 94 7.74 15.79 -7.13
CA GLU A 94 6.40 15.35 -7.46
C GLU A 94 5.44 15.61 -6.31
N HIS A 95 5.84 15.22 -5.09
CA HIS A 95 4.99 15.42 -3.92
C HIS A 95 4.63 16.88 -3.72
N GLU A 96 5.62 17.76 -3.74
N GLU A 96 5.61 17.78 -3.74
CA GLU A 96 5.35 19.18 -3.54
CA GLU A 96 5.28 19.18 -3.51
C GLU A 96 4.51 19.76 -4.66
C GLU A 96 4.49 19.78 -4.67
N SER A 97 4.66 19.26 -5.88
CA SER A 97 3.94 19.84 -7.02
C SER A 97 2.43 19.68 -6.87
N THR A 98 1.97 18.65 -6.18
CA THR A 98 0.54 18.41 -6.03
C THR A 98 0.02 18.85 -4.67
N GLY A 99 0.78 19.63 -3.92
CA GLY A 99 0.34 20.01 -2.59
C GLY A 99 0.41 18.87 -1.61
N GLY A 100 1.32 17.93 -1.84
CA GLY A 100 1.50 16.83 -0.92
C GLY A 100 0.57 15.66 -1.14
N LYS A 101 0.00 15.52 -2.34
CA LYS A 101 -0.99 14.48 -2.59
C LYS A 101 -0.43 13.25 -3.28
N THR A 102 0.83 13.31 -3.70
CA THR A 102 1.43 12.25 -4.50
C THR A 102 2.88 12.11 -4.03
N GLY A 103 3.60 11.19 -4.64
CA GLY A 103 5.04 11.13 -4.45
C GLY A 103 5.45 10.59 -3.10
N PHE A 104 4.73 9.59 -2.59
CA PHE A 104 4.98 9.00 -1.29
C PHE A 104 5.87 7.78 -1.40
N VAL A 105 6.61 7.53 -0.33
CA VAL A 105 7.38 6.31 -0.15
C VAL A 105 6.97 5.69 1.18
N SER A 106 6.65 4.40 1.18
CA SER A 106 6.15 3.73 2.38
C SER A 106 7.18 2.77 2.97
N LEU A 107 7.30 2.79 4.30
CA LEU A 107 8.15 1.90 5.08
C LEU A 107 7.31 1.25 6.17
N GLU A 108 7.32 -0.09 6.22
CA GLU A 108 6.49 -0.83 7.15
C GLU A 108 7.21 -1.06 8.48
N VAL A 109 6.44 -0.94 9.57
CA VAL A 109 6.95 -1.26 10.90
C VAL A 109 7.20 -2.76 11.03
N SER A 110 7.89 -3.16 12.09
N SER A 110 7.89 -3.15 12.09
CA SER A 110 8.22 -4.56 12.29
CA SER A 110 8.20 -4.56 12.29
C SER A 110 6.96 -5.41 12.42
C SER A 110 6.91 -5.37 12.36
N PRO A 111 6.86 -6.53 11.71
CA PRO A 111 5.68 -7.39 11.87
C PRO A 111 5.40 -7.84 13.28
N GLU A 112 6.41 -7.98 14.14
CA GLU A 112 6.15 -8.47 15.49
C GLU A 112 5.31 -7.51 16.31
N LEU A 113 5.12 -6.28 15.85
CA LEU A 113 4.33 -5.28 16.56
C LEU A 113 2.87 -5.27 16.15
N ALA A 114 2.45 -6.17 15.25
CA ALA A 114 1.17 -6.00 14.57
C ALA A 114 -0.02 -5.98 15.53
N LYS A 115 0.06 -6.69 16.65
CA LYS A 115 -1.03 -6.75 17.62
C LYS A 115 -0.78 -5.87 18.83
N ASP A 116 0.22 -4.98 18.77
CA ASP A 116 0.63 -4.12 19.89
C ASP A 116 0.42 -2.67 19.45
N ALA A 117 -0.71 -2.09 19.86
CA ALA A 117 -1.02 -0.74 19.40
C ALA A 117 0.01 0.27 19.88
N GLN A 118 0.36 0.23 21.17
N GLN A 118 0.39 0.23 21.16
CA GLN A 118 1.30 1.21 21.71
CA GLN A 118 1.29 1.25 21.68
C GLN A 118 2.66 1.04 21.07
C GLN A 118 2.71 1.05 21.15
N GLY A 119 3.14 -0.20 20.97
CA GLY A 119 4.43 -0.43 20.36
C GLY A 119 4.45 0.03 18.91
N THR A 120 3.36 -0.20 18.19
CA THR A 120 3.26 0.26 16.82
C THR A 120 3.32 1.78 16.75
N VAL A 121 2.60 2.47 17.63
CA VAL A 121 2.65 3.94 17.63
C VAL A 121 4.08 4.40 17.89
N GLU A 122 4.74 3.78 18.86
CA GLU A 122 6.09 4.20 19.21
C GLU A 122 7.05 4.00 18.04
N GLU A 123 6.98 2.85 17.39
CA GLU A 123 7.89 2.62 16.27
C GLU A 123 7.54 3.52 15.09
N ALA A 124 6.25 3.72 14.83
CA ALA A 124 5.88 4.54 13.69
C ALA A 124 6.32 5.98 13.88
N ARG A 125 6.11 6.53 15.08
CA ARG A 125 6.60 7.87 15.36
C ARG A 125 8.11 7.95 15.19
N ARG A 126 8.81 6.92 15.67
CA ARG A 126 10.26 6.93 15.57
C ARG A 126 10.73 6.83 14.12
N LEU A 127 10.14 5.93 13.34
CA LEU A 127 10.56 5.82 11.94
C LEU A 127 10.20 7.06 11.15
N HIS A 128 9.04 7.67 11.44
CA HIS A 128 8.68 8.94 10.81
C HIS A 128 9.76 9.99 11.07
N ALA A 129 10.21 10.08 12.31
CA ALA A 129 11.23 11.07 12.64
C ALA A 129 12.59 10.68 12.04
N ALA A 130 12.88 9.38 11.97
CA ALA A 130 14.18 8.94 11.45
C ALA A 130 14.28 9.23 9.96
N ILE A 131 13.21 8.98 9.21
CA ILE A 131 13.24 9.27 7.78
C ILE A 131 13.35 10.76 7.55
N ALA A 132 12.56 11.54 8.30
CA ALA A 132 12.65 13.00 8.31
C ALA A 132 12.29 13.61 6.96
N ARG A 133 11.23 13.06 6.33
N ARG A 133 11.27 13.04 6.30
CA ARG A 133 10.77 13.50 5.03
CA ARG A 133 10.77 13.58 5.06
C ARG A 133 9.25 13.62 5.04
C ARG A 133 9.26 13.65 5.09
N LYS A 134 8.73 14.72 4.51
CA LYS A 134 7.28 14.97 4.56
C LYS A 134 6.51 13.99 3.68
N ASN A 135 7.17 13.34 2.74
CA ASN A 135 6.53 12.42 1.81
C ASN A 135 6.76 10.95 2.17
N ALA A 136 7.10 10.67 3.40
CA ALA A 136 7.18 9.29 3.85
C ALA A 136 5.88 8.89 4.53
N MET A 137 5.40 7.70 4.21
CA MET A 137 4.27 7.08 4.89
C MET A 137 4.81 5.90 5.69
N ILE A 138 4.31 5.75 6.91
CA ILE A 138 4.60 4.57 7.70
C ILE A 138 3.49 3.56 7.43
N LYS A 139 3.90 2.33 7.17
CA LYS A 139 2.99 1.26 6.77
C LYS A 139 2.72 0.39 7.99
N VAL A 140 1.44 0.21 8.28
CA VAL A 140 0.96 -0.43 9.51
C VAL A 140 -0.10 -1.45 9.11
N PRO A 141 0.04 -2.72 9.50
CA PRO A 141 -1.01 -3.69 9.18
C PRO A 141 -2.33 -3.34 9.85
N ALA A 142 -3.40 -3.55 9.10
CA ALA A 142 -4.75 -3.22 9.54
C ALA A 142 -5.37 -4.28 10.45
N THR A 143 -4.61 -4.73 11.44
CA THR A 143 -5.23 -5.48 12.53
C THR A 143 -6.05 -4.52 13.40
N ASP A 144 -6.77 -5.06 14.37
CA ASP A 144 -7.50 -4.18 15.29
C ASP A 144 -6.53 -3.23 16.00
N ALA A 145 -5.36 -3.74 16.40
CA ALA A 145 -4.38 -2.87 17.05
C ALA A 145 -3.86 -1.80 16.09
N GLY A 146 -3.72 -2.17 14.81
CA GLY A 146 -3.24 -1.21 13.83
C GLY A 146 -4.23 -0.10 13.57
N ILE A 147 -5.52 -0.39 13.70
CA ILE A 147 -6.54 0.64 13.55
C ILE A 147 -6.59 1.55 14.76
N ASP A 148 -6.37 1.00 15.96
CA ASP A 148 -6.12 1.82 17.14
C ASP A 148 -4.93 2.76 16.89
N ALA A 149 -3.82 2.19 16.44
CA ALA A 149 -2.63 3.01 16.18
C ALA A 149 -2.88 4.04 15.10
N LEU A 150 -3.64 3.69 14.06
CA LEU A 150 -3.93 4.64 13.01
C LEU A 150 -4.55 5.92 13.56
N GLU A 151 -5.55 5.78 14.43
CA GLU A 151 -6.20 6.96 14.99
C GLU A 151 -5.17 7.84 15.70
N THR A 152 -4.30 7.23 16.50
CA THR A 152 -3.31 8.00 17.23
C THR A 152 -2.34 8.68 16.28
N LEU A 153 -1.84 7.94 15.29
CA LEU A 153 -0.85 8.48 14.37
C LEU A 153 -1.42 9.63 13.56
N VAL A 154 -2.66 9.49 13.10
CA VAL A 154 -3.32 10.58 12.39
C VAL A 154 -3.45 11.80 13.29
N SER A 155 -3.88 11.59 14.54
N SER A 155 -3.86 11.59 14.54
CA SER A 155 -3.94 12.71 15.47
CA SER A 155 -3.96 12.71 15.47
C SER A 155 -2.57 13.37 15.61
C SER A 155 -2.59 13.33 15.75
N ASP A 156 -1.50 12.59 15.51
CA ASP A 156 -0.14 13.11 15.60
C ASP A 156 0.32 13.79 14.32
N GLY A 157 -0.50 13.77 13.26
CA GLY A 157 -0.14 14.40 12.01
C GLY A 157 0.71 13.56 11.07
N ILE A 158 0.76 12.25 11.29
CA ILE A 158 1.63 11.36 10.55
C ILE A 158 0.83 10.67 9.45
N SER A 159 1.40 10.65 8.25
CA SER A 159 0.78 9.96 7.12
C SER A 159 1.05 8.45 7.19
N VAL A 160 0.01 7.67 6.88
CA VAL A 160 0.03 6.23 7.13
C VAL A 160 -0.50 5.47 5.93
N ASN A 161 0.14 4.35 5.63
CA ASN A 161 -0.32 3.36 4.66
C ASN A 161 -0.79 2.17 5.48
N LEU A 162 -2.10 1.99 5.59
CA LEU A 162 -2.65 0.90 6.37
C LEU A 162 -2.76 -0.31 5.46
N THR A 163 -2.08 -1.40 5.80
CA THR A 163 -1.85 -2.47 4.84
C THR A 163 -2.50 -3.78 5.30
N LEU A 164 -2.41 -4.79 4.42
CA LEU A 164 -2.98 -6.11 4.66
C LEU A 164 -4.47 -6.03 4.95
N LEU A 165 -5.17 -5.18 4.21
CA LEU A 165 -6.63 -5.17 4.21
C LEU A 165 -7.16 -6.15 3.17
N PHE A 166 -8.09 -6.99 3.58
CA PHE A 166 -8.77 -7.92 2.71
C PHE A 166 -10.27 -7.88 2.94
N SER A 167 -10.73 -7.01 3.83
CA SER A 167 -12.07 -7.01 4.38
C SER A 167 -12.70 -5.63 4.20
N ARG A 168 -13.91 -5.61 3.64
CA ARG A 168 -14.64 -4.35 3.57
C ARG A 168 -15.02 -3.83 4.95
N ALA A 169 -15.34 -4.72 5.88
CA ALA A 169 -15.71 -4.27 7.22
C ALA A 169 -14.52 -3.62 7.91
N GLN A 170 -13.35 -4.25 7.82
CA GLN A 170 -12.16 -3.71 8.47
C GLN A 170 -11.75 -2.39 7.83
N THR A 171 -11.92 -2.28 6.51
CA THR A 171 -11.61 -1.04 5.82
C THR A 171 -12.49 0.08 6.33
N LEU A 172 -13.80 -0.18 6.51
CA LEU A 172 -14.69 0.84 7.06
C LEU A 172 -14.30 1.21 8.48
N LYS A 173 -13.86 0.25 9.29
CA LYS A 173 -13.35 0.56 10.62
C LYS A 173 -12.15 1.50 10.54
N ALA A 174 -11.29 1.29 9.55
CA ALA A 174 -10.14 2.15 9.35
C ALA A 174 -10.57 3.56 8.99
N TYR A 175 -11.56 3.71 8.10
CA TYR A 175 -12.03 5.05 7.78
C TYR A 175 -12.53 5.76 9.02
N ALA A 176 -13.27 5.05 9.88
CA ALA A 176 -13.83 5.67 11.08
C ALA A 176 -12.72 6.11 12.05
N ALA A 177 -11.66 5.31 12.17
CA ALA A 177 -10.54 5.67 13.02
C ALA A 177 -9.81 6.89 12.46
N TYR A 178 -9.60 6.91 11.14
CA TYR A 178 -9.03 8.08 10.50
C TYR A 178 -9.84 9.33 10.81
N ALA A 179 -11.17 9.24 10.63
CA ALA A 179 -12.00 10.41 10.85
C ALA A 179 -11.91 10.88 12.29
N ARG A 180 -11.82 9.94 13.24
CA ARG A 180 -11.70 10.34 14.64
C ARG A 180 -10.40 11.11 14.87
N GLY A 181 -9.29 10.63 14.30
CA GLY A 181 -8.03 11.34 14.42
C GLY A 181 -8.07 12.71 13.80
N ILE A 182 -8.69 12.82 12.63
CA ILE A 182 -8.82 14.12 11.97
C ILE A 182 -9.67 15.06 12.82
N ALA A 183 -10.80 14.56 13.33
CA ALA A 183 -11.66 15.40 14.16
C ALA A 183 -10.92 15.90 15.39
N LYS A 184 -10.10 15.02 16.01
N LYS A 184 -10.05 15.06 15.96
CA LYS A 184 -9.29 15.46 17.13
CA LYS A 184 -9.29 15.45 17.15
C LYS A 184 -8.43 16.65 16.74
C LYS A 184 -8.29 16.56 16.83
N ARG A 185 -7.70 16.55 15.63
CA ARG A 185 -6.83 17.64 15.24
C ARG A 185 -7.60 18.92 14.97
N LEU A 186 -8.72 18.83 14.27
CA LEU A 186 -9.49 20.03 13.99
C LEU A 186 -9.98 20.68 15.28
N ALA A 187 -10.43 19.86 16.24
CA ALA A 187 -10.90 20.41 17.51
C ALA A 187 -9.80 21.16 18.24
N ALA A 188 -8.55 20.71 18.09
CA ALA A 188 -7.40 21.33 18.72
C ALA A 188 -6.77 22.43 17.88
N GLY A 189 -7.39 22.77 16.75
CA GLY A 189 -6.86 23.84 15.92
C GLY A 189 -5.60 23.49 15.17
N GLN A 190 -5.33 22.20 14.97
CA GLN A 190 -4.14 21.75 14.28
C GLN A 190 -4.44 21.49 12.81
N SER A 191 -3.40 21.57 12.00
CA SER A 191 -3.56 21.38 10.56
C SER A 191 -3.88 19.93 10.23
N VAL A 192 -4.63 19.73 9.15
CA VAL A 192 -4.87 18.39 8.63
C VAL A 192 -4.60 18.25 7.14
N ALA A 193 -4.38 19.36 6.44
CA ALA A 193 -4.36 19.29 4.99
C ALA A 193 -3.18 18.50 4.44
N HIS A 194 -2.13 18.27 5.22
CA HIS A 194 -0.99 17.50 4.72
C HIS A 194 -0.99 16.05 5.19
N ILE A 195 -2.01 15.63 5.93
CA ILE A 195 -2.11 14.24 6.37
C ILE A 195 -2.75 13.43 5.26
N GLN A 196 -2.03 12.40 4.80
CA GLN A 196 -2.51 11.52 3.75
C GLN A 196 -2.46 10.09 4.26
N VAL A 197 -3.55 9.35 4.04
CA VAL A 197 -3.65 7.94 4.41
C VAL A 197 -4.14 7.17 3.19
N VAL A 198 -3.52 6.02 2.95
CA VAL A 198 -4.02 5.07 1.98
C VAL A 198 -4.39 3.77 2.70
N ALA A 199 -5.37 3.07 2.13
CA ALA A 199 -5.84 1.79 2.64
C ALA A 199 -5.47 0.76 1.58
N SER A 200 -4.43 -0.02 1.86
CA SER A 200 -3.88 -0.97 0.89
C SER A 200 -4.67 -2.26 0.95
N PHE A 201 -5.52 -2.45 -0.05
CA PHE A 201 -6.47 -3.55 -0.13
C PHE A 201 -5.90 -4.55 -1.11
N PHE A 202 -5.69 -5.78 -0.65
CA PHE A 202 -4.94 -6.78 -1.40
C PHE A 202 -5.85 -7.54 -2.35
N ILE A 203 -5.32 -7.82 -3.54
CA ILE A 203 -6.10 -8.38 -4.64
C ILE A 203 -5.78 -9.85 -4.90
N SER A 204 -4.58 -10.15 -5.40
CA SER A 204 -4.36 -11.49 -5.96
C SER A 204 -4.53 -12.58 -4.92
N ARG A 205 -4.21 -12.29 -3.66
N ARG A 205 -4.21 -12.28 -3.66
CA ARG A 205 -4.23 -13.35 -2.65
CA ARG A 205 -4.23 -13.28 -2.60
C ARG A 205 -5.63 -13.88 -2.39
C ARG A 205 -5.62 -13.88 -2.41
N VAL A 206 -6.66 -13.09 -2.66
CA VAL A 206 -8.03 -13.59 -2.55
C VAL A 206 -8.29 -14.64 -3.61
N ASP A 207 -7.94 -14.35 -4.86
CA ASP A 207 -8.15 -15.33 -5.92
C ASP A 207 -7.28 -16.56 -5.71
N SER A 208 -6.04 -16.35 -5.25
CA SER A 208 -5.17 -17.50 -4.99
C SER A 208 -5.78 -18.43 -3.95
N ALA A 209 -6.46 -17.86 -2.94
CA ALA A 209 -7.03 -18.67 -1.87
C ALA A 209 -8.23 -19.48 -2.36
N LEU A 210 -9.03 -18.93 -3.27
CA LEU A 210 -10.33 -19.49 -3.57
C LEU A 210 -10.43 -20.22 -4.90
N ASP A 211 -9.61 -19.88 -5.90
CA ASP A 211 -9.97 -20.26 -7.26
C ASP A 211 -10.02 -21.78 -7.46
N ALA A 212 -9.12 -22.53 -6.84
CA ALA A 212 -9.08 -23.96 -7.14
C ALA A 212 -10.39 -24.66 -6.77
N THR A 213 -11.17 -24.09 -5.85
CA THR A 213 -12.40 -24.76 -5.42
C THR A 213 -13.67 -24.04 -5.86
N LEU A 214 -13.55 -22.96 -6.68
CA LEU A 214 -14.72 -22.23 -7.15
C LEU A 214 -15.28 -22.84 -8.44
N PRO A 215 -16.58 -22.60 -8.67
CA PRO A 215 -17.17 -22.88 -9.99
C PRO A 215 -16.57 -22.01 -11.09
N ASP A 216 -16.75 -22.43 -12.35
N ASP A 216 -16.83 -22.42 -12.33
CA ASP A 216 -15.97 -21.81 -13.41
CA ASP A 216 -16.19 -21.84 -13.51
C ASP A 216 -16.38 -20.36 -13.67
C ASP A 216 -16.41 -20.34 -13.56
N ARG A 217 -17.64 -20.00 -13.44
N ARG A 217 -17.67 -19.90 -13.55
CA ARG A 217 -18.05 -18.63 -13.70
CA ARG A 217 -17.97 -18.50 -13.77
C ARG A 217 -17.54 -17.66 -12.63
C ARG A 217 -17.42 -17.59 -12.67
N LEU A 218 -16.91 -18.16 -11.57
CA LEU A 218 -16.37 -17.33 -10.51
C LEU A 218 -14.85 -17.32 -10.43
N LYS A 219 -14.16 -18.27 -11.08
CA LYS A 219 -12.70 -18.29 -10.99
C LYS A 219 -12.13 -16.98 -11.53
N GLY A 220 -11.23 -16.39 -10.76
CA GLY A 220 -10.59 -15.16 -11.16
C GLY A 220 -11.44 -13.92 -11.05
N LYS A 221 -12.60 -14.02 -10.39
CA LYS A 221 -13.51 -12.89 -10.30
C LYS A 221 -13.68 -12.31 -8.90
N THR A 222 -13.36 -13.08 -7.86
CA THR A 222 -13.75 -12.65 -6.52
C THR A 222 -12.98 -11.41 -6.08
N ALA A 223 -11.67 -11.39 -6.29
CA ALA A 223 -10.88 -10.27 -5.77
C ALA A 223 -11.29 -8.96 -6.40
N ILE A 224 -11.56 -8.97 -7.71
CA ILE A 224 -12.03 -7.78 -8.39
C ILE A 224 -13.41 -7.36 -7.89
N ALA A 225 -14.31 -8.33 -7.70
CA ALA A 225 -15.64 -8.00 -7.20
C ALA A 225 -15.55 -7.38 -5.82
N LEU A 226 -14.69 -7.94 -4.97
N LEU A 226 -14.71 -7.96 -4.94
CA LEU A 226 -14.52 -7.42 -3.62
CA LEU A 226 -14.54 -7.38 -3.62
C LEU A 226 -13.97 -6.00 -3.63
C LEU A 226 -14.04 -5.95 -3.71
N ALA A 227 -13.00 -5.73 -4.51
CA ALA A 227 -12.47 -4.37 -4.64
C ALA A 227 -13.51 -3.40 -5.18
N LYS A 228 -14.28 -3.82 -6.18
CA LYS A 228 -15.32 -2.94 -6.70
C LYS A 228 -16.31 -2.57 -5.62
N ALA A 229 -16.72 -3.56 -4.81
CA ALA A 229 -17.63 -3.28 -3.71
C ALA A 229 -16.98 -2.39 -2.67
N ALA A 230 -15.69 -2.62 -2.37
CA ALA A 230 -15.01 -1.73 -1.43
C ALA A 230 -15.02 -0.30 -1.93
N TYR A 231 -14.83 -0.10 -3.24
CA TYR A 231 -14.81 1.26 -3.75
C TYR A 231 -16.18 1.90 -3.64
N GLN A 232 -17.24 1.14 -3.86
N GLN A 232 -17.25 1.14 -3.85
CA GLN A 232 -18.57 1.68 -3.64
CA GLN A 232 -18.58 1.72 -3.64
C GLN A 232 -18.76 2.09 -2.19
C GLN A 232 -18.77 2.10 -2.18
N ASP A 233 -18.26 1.27 -1.26
CA ASP A 233 -18.35 1.62 0.17
C ASP A 233 -17.60 2.93 0.42
N TRP A 234 -16.44 3.08 -0.21
CA TRP A 234 -15.61 4.28 -0.09
C TRP A 234 -16.38 5.51 -0.53
N GLU A 235 -17.00 5.44 -1.72
CA GLU A 235 -17.78 6.58 -2.20
C GLU A 235 -18.84 6.96 -1.18
N GLN A 236 -19.52 5.97 -0.61
N GLN A 236 -19.55 5.97 -0.64
CA GLN A 236 -20.62 6.24 0.30
CA GLN A 236 -20.62 6.26 0.30
C GLN A 236 -20.14 6.82 1.61
C GLN A 236 -20.07 6.92 1.56
N TYR A 237 -19.00 6.35 2.12
CA TYR A 237 -18.48 6.85 3.39
C TYR A 237 -18.01 8.29 3.25
N PHE A 238 -17.19 8.57 2.23
CA PHE A 238 -16.52 9.86 2.17
C PHE A 238 -17.37 10.97 1.60
N THR A 239 -18.50 10.67 0.95
CA THR A 239 -19.44 11.70 0.53
C THR A 239 -20.53 11.99 1.56
N ALA A 240 -20.63 11.17 2.62
CA ALA A 240 -21.64 11.38 3.62
C ALA A 240 -21.44 12.72 4.33
N PRO A 241 -22.51 13.28 4.89
CA PRO A 241 -22.38 14.57 5.58
C PRO A 241 -21.32 14.57 6.66
N GLU A 242 -21.15 13.45 7.37
CA GLU A 242 -20.17 13.42 8.45
C GLU A 242 -18.78 13.71 7.93
N PHE A 243 -18.34 13.00 6.89
CA PHE A 243 -17.01 13.29 6.37
C PHE A 243 -16.96 14.62 5.62
N ALA A 244 -18.04 14.98 4.91
CA ALA A 244 -18.04 16.24 4.20
C ALA A 244 -17.73 17.41 5.14
N ALA A 245 -18.24 17.35 6.37
CA ALA A 245 -17.97 18.42 7.32
C ALA A 245 -16.48 18.53 7.62
N LEU A 246 -15.76 17.39 7.61
CA LEU A 246 -14.31 17.39 7.82
C LEU A 246 -13.57 17.85 6.56
N GLU A 247 -13.99 17.36 5.39
CA GLU A 247 -13.33 17.75 4.14
C GLU A 247 -13.48 19.25 3.89
N ALA A 248 -14.60 19.84 4.31
CA ALA A 248 -14.80 21.28 4.17
C ALA A 248 -13.74 22.08 4.94
N GLN A 249 -13.21 21.49 6.00
CA GLN A 249 -12.21 22.10 6.87
C GLN A 249 -10.80 21.76 6.47
N GLY A 250 -10.61 21.02 5.38
CA GLY A 250 -9.31 20.73 4.84
C GLY A 250 -8.88 19.28 4.94
N ALA A 251 -9.70 18.42 5.53
CA ALA A 251 -9.33 17.01 5.61
C ALA A 251 -9.28 16.38 4.22
N ASN A 252 -8.33 15.47 4.05
CA ASN A 252 -8.23 14.65 2.86
C ASN A 252 -8.97 13.34 3.06
N ARG A 253 -9.62 12.85 2.01
CA ARG A 253 -10.15 11.50 2.08
C ARG A 253 -9.00 10.50 2.17
N VAL A 254 -9.23 9.38 2.88
CA VAL A 254 -8.41 8.20 2.67
C VAL A 254 -8.59 7.78 1.21
N GLN A 255 -7.55 7.22 0.63
CA GLN A 255 -7.70 6.63 -0.70
C GLN A 255 -7.41 5.14 -0.66
N LEU A 256 -8.25 4.38 -1.37
CA LEU A 256 -7.97 2.97 -1.58
C LEU A 256 -6.75 2.80 -2.48
N LEU A 257 -5.89 1.87 -2.10
CA LEU A 257 -4.71 1.50 -2.86
C LEU A 257 -4.79 0.01 -3.12
N TRP A 258 -4.78 -0.38 -4.40
CA TRP A 258 -4.81 -1.79 -4.76
C TRP A 258 -3.39 -2.35 -4.68
N ALA A 259 -3.21 -3.37 -3.86
CA ALA A 259 -1.92 -4.00 -3.67
C ALA A 259 -2.06 -5.48 -4.02
N SER A 260 -0.94 -6.17 -4.09
CA SER A 260 -0.91 -7.55 -4.56
C SER A 260 -1.58 -7.65 -5.93
N THR A 261 -1.21 -6.74 -6.83
CA THR A 261 -1.83 -6.65 -8.14
C THR A 261 -1.03 -7.31 -9.24
N GLY A 262 0.11 -7.91 -8.92
CA GLY A 262 0.74 -8.85 -9.82
C GLY A 262 -0.11 -10.11 -9.93
N VAL A 263 -0.32 -10.57 -11.15
CA VAL A 263 -1.12 -11.76 -11.39
C VAL A 263 -0.28 -12.99 -11.06
N LYS A 264 -0.87 -13.90 -10.29
CA LYS A 264 -0.16 -15.06 -9.79
C LYS A 264 -0.61 -16.36 -10.43
N ASN A 265 -1.64 -16.31 -11.26
CA ASN A 265 -2.19 -17.48 -11.92
C ASN A 265 -2.00 -17.29 -13.41
N PRO A 266 -1.21 -18.13 -14.09
CA PRO A 266 -0.96 -17.91 -15.52
C PRO A 266 -2.20 -18.06 -16.39
N ALA A 267 -3.32 -18.52 -15.82
CA ALA A 267 -4.57 -18.60 -16.55
C ALA A 267 -5.20 -17.24 -16.81
N TYR A 268 -4.70 -16.17 -16.15
CA TYR A 268 -5.26 -14.84 -16.27
C TYR A 268 -4.24 -13.91 -16.94
N PRO A 269 -4.71 -12.95 -17.74
CA PRO A 269 -3.76 -12.01 -18.35
C PRO A 269 -2.99 -11.24 -17.30
N ASP A 270 -1.72 -10.97 -17.59
CA ASP A 270 -0.84 -10.36 -16.60
C ASP A 270 -1.26 -8.96 -16.20
N THR A 271 -2.08 -8.27 -17.01
CA THR A 271 -2.56 -6.95 -16.65
C THR A 271 -3.96 -6.96 -16.04
N LEU A 272 -4.49 -8.14 -15.70
CA LEU A 272 -5.88 -8.24 -15.26
C LEU A 272 -6.21 -7.27 -14.14
N TYR A 273 -5.40 -7.25 -13.09
CA TYR A 273 -5.78 -6.47 -11.92
C TYR A 273 -5.63 -4.99 -12.19
N VAL A 274 -4.53 -4.58 -12.83
CA VAL A 274 -4.37 -3.16 -13.10
C VAL A 274 -5.47 -2.68 -14.05
N ASP A 275 -5.70 -3.41 -15.13
CA ASP A 275 -6.70 -2.99 -16.11
C ASP A 275 -8.08 -2.87 -15.49
N SER A 276 -8.40 -3.71 -14.51
CA SER A 276 -9.76 -3.87 -14.03
C SER A 276 -10.12 -2.94 -12.90
N LEU A 277 -9.17 -2.20 -12.33
CA LEU A 277 -9.38 -1.52 -11.07
C LEU A 277 -9.09 -0.03 -11.14
N ILE A 278 -9.22 0.57 -12.33
CA ILE A 278 -8.90 1.98 -12.52
C ILE A 278 -10.12 2.83 -12.20
N GLY A 279 -9.98 3.72 -11.23
CA GLY A 279 -11.03 4.68 -10.92
C GLY A 279 -10.47 5.87 -10.19
N VAL A 280 -11.32 6.89 -10.02
CA VAL A 280 -10.86 8.17 -9.51
C VAL A 280 -10.54 8.11 -8.02
N HIS A 281 -9.46 8.79 -7.63
CA HIS A 281 -9.06 8.90 -6.22
C HIS A 281 -8.58 7.56 -5.67
N THR A 282 -7.83 6.82 -6.48
CA THR A 282 -7.26 5.56 -6.03
C THR A 282 -5.78 5.50 -6.41
N VAL A 283 -5.12 4.47 -5.90
CA VAL A 283 -3.73 4.17 -6.19
C VAL A 283 -3.65 2.69 -6.52
N ASN A 284 -2.70 2.32 -7.37
CA ASN A 284 -2.39 0.92 -7.61
C ASN A 284 -0.88 0.81 -7.53
N THR A 285 -0.38 -0.04 -6.63
CA THR A 285 1.05 -0.25 -6.51
C THR A 285 1.40 -1.57 -7.18
N VAL A 286 2.34 -1.52 -8.11
CA VAL A 286 2.57 -2.67 -8.99
C VAL A 286 4.03 -3.10 -8.94
N PRO A 287 4.31 -4.40 -8.93
CA PRO A 287 5.71 -4.83 -9.08
C PRO A 287 6.23 -4.49 -10.46
N ASP A 288 7.56 -4.49 -10.59
N ASP A 288 7.56 -4.53 -10.61
CA ASP A 288 8.21 -4.09 -11.84
CA ASP A 288 8.18 -4.06 -11.83
C ASP A 288 7.63 -4.82 -13.04
C ASP A 288 7.68 -4.82 -13.06
N ALA A 289 7.48 -6.13 -12.94
CA ALA A 289 7.08 -6.91 -14.10
C ALA A 289 5.67 -6.56 -14.52
N THR A 290 4.82 -6.23 -13.55
CA THR A 290 3.45 -5.85 -13.87
C THR A 290 3.40 -4.46 -14.47
N LEU A 291 4.24 -3.55 -13.96
CA LEU A 291 4.37 -2.23 -14.55
C LEU A 291 4.80 -2.34 -16.01
N LYS A 292 5.80 -3.18 -16.28
N LYS A 292 5.75 -3.21 -16.32
CA LYS A 292 6.25 -3.48 -17.64
CA LYS A 292 6.20 -3.33 -17.71
C LYS A 292 5.10 -3.96 -18.50
C LYS A 292 5.14 -4.01 -18.58
N ALA A 293 4.38 -4.97 -18.03
CA ALA A 293 3.28 -5.55 -18.80
C ALA A 293 2.21 -4.50 -19.09
N PHE A 294 1.90 -3.65 -18.11
CA PHE A 294 0.85 -2.65 -18.31
C PHE A 294 1.26 -1.60 -19.34
N ILE A 295 2.51 -1.15 -19.27
CA ILE A 295 3.04 -0.25 -20.31
C ILE A 295 2.95 -0.90 -21.68
N ASP A 296 3.28 -2.19 -21.76
CA ASP A 296 3.35 -2.83 -23.07
C ASP A 296 1.97 -3.09 -23.66
N HIS A 297 1.03 -3.57 -22.84
CA HIS A 297 -0.24 -4.00 -23.42
C HIS A 297 -1.41 -3.83 -22.45
N GLY A 298 -1.27 -3.00 -21.43
CA GLY A 298 -2.40 -2.62 -20.61
C GLY A 298 -3.34 -1.68 -21.35
N THR A 299 -4.46 -1.39 -20.68
CA THR A 299 -5.51 -0.53 -21.21
C THR A 299 -5.94 0.45 -20.14
N ALA A 300 -6.02 1.73 -20.49
CA ALA A 300 -6.43 2.78 -19.56
C ALA A 300 -7.90 3.09 -19.81
N LYS A 301 -8.76 2.61 -18.93
CA LYS A 301 -10.20 2.82 -19.01
C LYS A 301 -10.73 2.80 -17.59
N ALA A 302 -11.80 3.54 -17.35
CA ALA A 302 -12.35 3.69 -16.00
C ALA A 302 -13.20 2.46 -15.69
N THR A 303 -12.52 1.38 -15.33
CA THR A 303 -13.15 0.08 -15.16
C THR A 303 -13.64 -0.18 -13.74
N LEU A 304 -13.07 0.50 -12.74
CA LEU A 304 -13.36 0.14 -11.37
C LEU A 304 -14.85 0.20 -11.05
N THR A 305 -15.55 1.21 -11.57
CA THR A 305 -16.96 1.35 -11.25
C THR A 305 -17.89 0.68 -12.26
N GLU A 306 -17.35 0.05 -13.30
CA GLU A 306 -18.21 -0.63 -14.26
C GLU A 306 -18.82 -1.89 -13.66
N SER A 307 -20.07 -2.16 -14.04
CA SER A 307 -20.73 -3.44 -13.73
C SER A 307 -20.69 -3.76 -12.23
N ALA A 308 -21.00 -2.75 -11.42
CA ALA A 308 -21.03 -2.98 -9.98
C ALA A 308 -22.12 -3.98 -9.62
N ASP A 309 -23.20 -4.02 -10.41
CA ASP A 309 -24.27 -4.97 -10.13
C ASP A 309 -23.75 -6.40 -10.22
N GLU A 310 -22.93 -6.69 -11.22
N GLU A 310 -22.93 -6.69 -11.23
CA GLU A 310 -22.40 -8.04 -11.36
CA GLU A 310 -22.37 -8.03 -11.39
C GLU A 310 -21.42 -8.36 -10.23
C GLU A 310 -21.42 -8.36 -10.25
N ALA A 311 -20.65 -7.37 -9.78
CA ALA A 311 -19.78 -7.59 -8.63
C ALA A 311 -20.61 -8.00 -7.41
N ARG A 312 -21.72 -7.29 -7.17
N ARG A 312 -21.72 -7.30 -7.18
CA ARG A 312 -22.59 -7.66 -6.06
CA ARG A 312 -22.62 -7.63 -6.08
C ARG A 312 -23.16 -9.06 -6.24
C ARG A 312 -23.19 -9.04 -6.24
N ALA A 313 -23.59 -9.41 -7.46
CA ALA A 313 -24.15 -10.74 -7.69
C ALA A 313 -23.10 -11.81 -7.46
N ARG A 314 -21.87 -11.54 -7.86
CA ARG A 314 -20.79 -12.50 -7.65
C ARG A 314 -20.53 -12.69 -6.16
N LEU A 315 -20.46 -11.60 -5.41
CA LEU A 315 -20.23 -11.76 -3.98
C LEU A 315 -21.39 -12.50 -3.32
N ALA A 316 -22.61 -12.32 -3.83
CA ALA A 316 -23.74 -13.07 -3.29
C ALA A 316 -23.59 -14.56 -3.56
N GLU A 317 -23.06 -14.92 -4.72
CA GLU A 317 -22.85 -16.33 -5.01
C GLU A 317 -21.70 -16.90 -4.17
N ILE A 318 -20.65 -16.11 -3.95
CA ILE A 318 -19.57 -16.54 -3.06
C ILE A 318 -20.14 -16.89 -1.69
N ALA A 319 -21.02 -16.04 -1.16
CA ALA A 319 -21.68 -16.33 0.11
C ALA A 319 -22.57 -17.56 0.00
N ALA A 320 -23.27 -17.71 -1.13
CA ALA A 320 -24.14 -18.89 -1.31
C ALA A 320 -23.34 -20.18 -1.24
N LEU A 321 -22.10 -20.16 -1.72
CA LEU A 321 -21.21 -21.32 -1.70
C LEU A 321 -20.63 -21.59 -0.32
N GLY A 322 -20.87 -20.72 0.64
CA GLY A 322 -20.37 -20.91 1.99
C GLY A 322 -19.04 -20.28 2.27
N ILE A 323 -18.51 -19.50 1.33
CA ILE A 323 -17.27 -18.76 1.54
C ILE A 323 -17.63 -17.48 2.27
N ASP A 324 -17.15 -17.34 3.50
CA ASP A 324 -17.36 -16.14 4.29
C ASP A 324 -16.15 -15.24 4.04
N VAL A 325 -16.34 -14.16 3.28
CA VAL A 325 -15.20 -13.34 2.91
C VAL A 325 -14.60 -12.62 4.11
N GLU A 326 -15.34 -12.48 5.22
CA GLU A 326 -14.76 -11.87 6.41
C GLU A 326 -13.86 -12.87 7.15
N THR A 327 -14.27 -14.14 7.23
CA THR A 327 -13.39 -15.16 7.76
C THR A 327 -12.14 -15.28 6.91
N LEU A 328 -12.33 -15.31 5.59
CA LEU A 328 -11.21 -15.39 4.67
C LEU A 328 -10.25 -14.23 4.87
N ALA A 329 -10.80 -13.01 5.01
CA ALA A 329 -9.96 -11.84 5.16
C ALA A 329 -9.10 -11.95 6.40
N ALA A 330 -9.66 -12.43 7.51
CA ALA A 330 -8.87 -12.55 8.72
C ALA A 330 -7.75 -13.56 8.52
N ARG A 331 -8.05 -14.69 7.90
N ARG A 331 -8.05 -14.67 7.84
CA ARG A 331 -7.01 -15.67 7.63
CA ARG A 331 -7.08 -15.71 7.58
C ARG A 331 -5.92 -15.08 6.75
C ARG A 331 -5.97 -15.23 6.66
N LEU A 332 -6.32 -14.41 5.67
CA LEU A 332 -5.33 -13.89 4.74
C LEU A 332 -4.44 -12.85 5.41
N GLN A 333 -5.01 -12.06 6.31
CA GLN A 333 -4.20 -11.08 7.03
C GLN A 333 -3.22 -11.77 7.96
N GLU A 334 -3.70 -12.78 8.69
N GLU A 334 -3.65 -12.83 8.63
CA GLU A 334 -2.85 -13.60 9.55
CA GLU A 334 -2.75 -13.52 9.55
C GLU A 334 -1.72 -14.22 8.73
C GLU A 334 -1.73 -14.36 8.81
N ASP A 335 -2.07 -14.84 7.61
CA ASP A 335 -1.07 -15.50 6.78
C ASP A 335 -0.07 -14.48 6.25
N GLY A 336 -0.54 -13.29 5.85
CA GLY A 336 0.38 -12.28 5.37
C GLY A 336 1.35 -11.81 6.44
N LEU A 337 0.87 -11.67 7.67
CA LEU A 337 1.76 -11.32 8.77
C LEU A 337 2.79 -12.41 9.01
N LYS A 338 2.37 -13.68 9.00
CA LYS A 338 3.34 -14.77 9.16
C LYS A 338 4.38 -14.73 8.05
N GLN A 339 3.95 -14.50 6.82
CA GLN A 339 4.88 -14.47 5.69
C GLN A 339 5.84 -13.29 5.81
N PHE A 340 5.34 -12.12 6.21
CA PHE A 340 6.23 -10.97 6.35
C PHE A 340 7.23 -11.19 7.48
N GLU A 341 6.79 -11.82 8.57
CA GLU A 341 7.73 -12.13 9.65
C GLU A 341 8.79 -13.12 9.19
N GLU A 342 8.41 -14.10 8.38
N GLU A 342 8.39 -14.14 8.42
CA GLU A 342 9.39 -15.06 7.88
CA GLU A 342 9.35 -15.08 7.86
C GLU A 342 10.39 -14.40 6.95
C GLU A 342 10.39 -14.35 7.03
N ALA A 343 9.93 -13.47 6.12
CA ALA A 343 10.85 -12.71 5.29
C ALA A 343 11.77 -11.85 6.14
N PHE A 344 11.23 -11.24 7.19
CA PHE A 344 12.03 -10.36 8.04
C PHE A 344 13.10 -11.16 8.77
N GLU A 345 12.75 -12.34 9.29
CA GLU A 345 13.76 -13.17 9.94
C GLU A 345 14.82 -13.63 8.92
N LYS A 346 14.41 -13.89 7.68
N LYS A 346 14.42 -13.89 7.67
CA LYS A 346 15.36 -14.32 6.66
CA LYS A 346 15.40 -14.23 6.65
C LYS A 346 16.37 -13.20 6.36
C LYS A 346 16.27 -13.04 6.29
N LEU A 347 15.90 -11.96 6.29
N LEU A 347 15.72 -11.83 6.39
CA LEU A 347 16.82 -10.86 6.00
CA LEU A 347 16.50 -10.64 6.09
C LEU A 347 17.69 -10.54 7.20
C LEU A 347 17.52 -10.37 7.19
N LEU A 348 17.20 -10.73 8.42
CA LEU A 348 18.03 -10.39 9.57
C LEU A 348 19.19 -11.36 9.75
N ALA A 349 19.03 -12.63 9.35
CA ALA A 349 20.06 -13.61 9.67
C ALA A 349 21.43 -13.23 9.12
N PRO A 350 21.57 -12.75 7.87
CA PRO A 350 22.89 -12.34 7.39
C PRO A 350 23.39 -11.03 7.97
N LEU A 351 22.60 -10.33 8.79
CA LEU A 351 23.01 -9.10 9.44
C LEU A 351 23.48 -9.32 10.87
N VAL A 352 23.54 -10.56 11.33
CA VAL A 352 24.03 -10.88 12.65
C VAL A 352 25.53 -10.70 12.68
C1 CIT B . 2.59 -10.64 -3.59
O1 CIT B . 1.62 -11.40 -3.79
O2 CIT B . 3.75 -11.11 -3.64
C2 CIT B . 2.38 -9.16 -3.32
C3 CIT B . 2.32 -8.85 -1.82
O7 CIT B . 3.64 -8.88 -1.24
C4 CIT B . 1.70 -7.48 -1.54
C5 CIT B . 2.36 -6.38 -2.33
O3 CIT B . 1.68 -5.58 -3.00
O4 CIT B . 3.60 -6.21 -2.29
C6 CIT B . 1.47 -9.93 -1.17
O5 CIT B . 1.64 -10.30 0.00
O6 CIT B . 0.57 -10.44 -1.88
H21 CIT B . 1.45 -8.84 -3.79
H22 CIT B . 3.19 -8.59 -3.76
HO7 CIT B . 3.68 -9.56 -0.54
H41 CIT B . 1.78 -7.26 -0.48
H42 CIT B . 0.64 -7.52 -1.80
#